data_3F4J
#
_entry.id   3F4J
#
_cell.length_a   90.060
_cell.length_b   86.550
_cell.length_c   81.450
_cell.angle_alpha   90.00
_cell.angle_beta   95.27
_cell.angle_gamma   90.00
#
_symmetry.space_group_name_H-M   'C 1 2 1'
#
loop_
_entity.id
_entity.type
_entity.pdbx_description
1 polymer Transporter
2 non-polymer GLYCINE
3 non-polymer 'octyl beta-D-glucopyranoside'
4 non-polymer 'SODIUM ION'
5 water water
#
_entity_poly.entity_id   1
_entity_poly.type   'polypeptide(L)'
_entity_poly.pdbx_seq_one_letter_code
;MEVKREHWATRLGLILAMAGNAVGLGNFLRFPVQAAENGGGAFMIPYIIAFLLVGIPLMWIEWAMGRYGGAQGHGTTPAI
FYLLWRNRFAKILGVFGLWIPLVVAIYYVYIESWTLGFAIKFLVGLVPEPPPNATDPDSILRPFKEFLYSYIGVPKGDEP
ILKPSLFAYIVFLITMFINVSILIRGISKGIERFAKIAMPTLFILAVFLVIRVFLLETPNGTAADGLNFLWTPDFEKLKD
PGVWIAAVGQIFFTLSLGFGAIITYASYVRKDQDIVLSGLTAATLNEKAEVILGGSISIPAAVAFFGVANAVAIAKAGAF
NLGFITLPAIFSQTAGGTFLGFLWFFLLFFAGLTSSIAIMQPMIAFLEDELKLSRKHAVLWTAAIVFFSAHLVMFLNKSL
DEMDFWAGTIGVVFFGLTELIIFFWIFGADKAWEEINRGGIIKVPRIYYYVMRYITPAFLAVLLVVWAREYIPKIMEETH
WTVWITRFYIIGLFLFLTFLVFLAERRRNHESAGTLVPR
;
_entity_poly.pdbx_strand_id   A
#
loop_
_chem_comp.id
_chem_comp.type
_chem_comp.name
_chem_comp.formula
BOG D-saccharide 'octyl beta-D-glucopyranoside' 'C14 H28 O6'
NA non-polymer 'SODIUM ION' 'Na 1'
#
# COMPACT_ATOMS: atom_id res chain seq x y z
N ARG A 5 23.28 -10.99 -10.23
CA ARG A 5 22.09 -10.37 -9.65
C ARG A 5 22.28 -10.11 -8.17
N GLU A 6 21.76 -8.97 -7.71
CA GLU A 6 21.83 -8.62 -6.29
C GLU A 6 21.04 -9.61 -5.45
N HIS A 7 21.45 -9.75 -4.19
CA HIS A 7 20.71 -10.53 -3.22
C HIS A 7 20.67 -9.77 -1.91
N TRP A 8 19.65 -10.05 -1.10
CA TRP A 8 19.62 -9.50 0.25
C TRP A 8 20.83 -10.03 1.03
N ALA A 9 21.52 -9.14 1.73
CA ALA A 9 22.72 -9.52 2.46
C ALA A 9 22.42 -10.45 3.64
N THR A 10 21.52 -10.00 4.51
CA THR A 10 21.18 -10.78 5.69
C THR A 10 19.70 -11.16 5.69
N ARG A 11 19.36 -12.17 6.49
CA ARG A 11 17.97 -12.58 6.63
C ARG A 11 17.16 -11.51 7.36
N LEU A 12 17.80 -10.82 8.29
CA LEU A 12 17.14 -9.74 9.04
C LEU A 12 16.76 -8.60 8.10
N GLY A 13 17.72 -8.16 7.29
CA GLY A 13 17.49 -7.12 6.31
C GLY A 13 16.36 -7.49 5.36
N LEU A 14 16.36 -8.76 4.92
CA LEU A 14 15.30 -9.27 4.07
C LEU A 14 13.94 -9.11 4.74
N ILE A 15 13.83 -9.61 5.97
CA ILE A 15 12.58 -9.53 6.73
C ILE A 15 12.11 -8.09 6.93
N LEU A 16 13.02 -7.25 7.42
CA LEU A 16 12.71 -5.85 7.69
C LEU A 16 12.37 -5.07 6.42
N ALA A 17 12.98 -5.45 5.30
CA ALA A 17 12.69 -4.81 4.02
C ALA A 17 11.29 -5.19 3.56
N MET A 18 10.98 -6.48 3.65
CA MET A 18 9.65 -6.98 3.29
C MET A 18 8.59 -6.44 4.22
N ALA A 19 8.95 -6.31 5.50
CA ALA A 19 8.05 -5.73 6.49
C ALA A 19 7.81 -4.26 6.18
N GLY A 20 8.87 -3.56 5.77
CA GLY A 20 8.75 -2.17 5.41
C GLY A 20 7.94 -2.07 4.14
N ASN A 21 8.09 -3.02 3.23
CA ASN A 21 7.23 -3.00 2.05
C ASN A 21 5.75 -3.03 2.44
N ALA A 22 5.41 -3.94 3.35
CA ALA A 22 4.04 -4.13 3.77
C ALA A 22 3.59 -3.00 4.68
N VAL A 23 4.36 -2.67 5.71
CA VAL A 23 3.86 -1.75 6.73
C VAL A 23 3.96 -0.29 6.23
N GLY A 24 2.83 0.37 5.96
CA GLY A 24 2.89 1.71 5.38
C GLY A 24 1.71 2.58 5.73
N LEU A 25 1.35 3.52 4.86
CA LEU A 25 0.19 4.36 5.10
C LEU A 25 -1.08 3.54 5.33
N GLY A 26 -1.10 2.36 4.72
CA GLY A 26 -2.22 1.43 4.86
C GLY A 26 -2.53 1.08 6.29
N ASN A 27 -1.51 0.89 7.13
CA ASN A 27 -1.74 0.54 8.54
C ASN A 27 -2.28 1.68 9.37
N PHE A 28 -1.79 2.89 9.08
CA PHE A 28 -2.05 4.03 9.95
C PHE A 28 -3.12 4.99 9.42
N LEU A 29 -3.35 4.97 8.11
CA LEU A 29 -4.38 5.82 7.50
C LEU A 29 -5.57 5.02 6.99
N ARG A 30 -5.30 4.03 6.14
CA ARG A 30 -6.34 3.27 5.47
C ARG A 30 -7.11 2.35 6.45
N PHE A 31 -6.37 1.53 7.19
CA PHE A 31 -7.01 0.57 8.10
C PHE A 31 -8.01 1.21 9.08
N PRO A 32 -7.59 2.28 9.78
CA PRO A 32 -8.52 2.91 10.72
C PRO A 32 -9.83 3.33 10.04
N VAL A 33 -9.74 3.95 8.87
CA VAL A 33 -10.93 4.39 8.14
C VAL A 33 -11.81 3.20 7.74
N GLN A 34 -11.17 2.17 7.18
CA GLN A 34 -11.87 0.97 6.76
C GLN A 34 -12.60 0.30 7.92
N ALA A 35 -11.90 0.09 9.02
CA ALA A 35 -12.50 -0.52 10.20
C ALA A 35 -13.64 0.33 10.76
N ALA A 36 -13.46 1.66 10.76
CA ALA A 36 -14.45 2.56 11.31
C ALA A 36 -15.73 2.59 10.47
N GLU A 37 -15.57 2.64 9.15
CA GLU A 37 -16.71 2.67 8.24
C GLU A 37 -17.54 1.39 8.33
N ASN A 38 -16.89 0.29 8.64
CA ASN A 38 -17.52 -1.02 8.56
C ASN A 38 -17.86 -1.64 9.92
N GLY A 39 -18.04 -0.79 10.92
CA GLY A 39 -18.54 -1.22 12.22
C GLY A 39 -17.50 -1.67 13.24
N GLY A 40 -16.23 -1.40 12.95
CA GLY A 40 -15.16 -1.75 13.88
C GLY A 40 -15.03 -3.25 14.08
N GLY A 41 -15.53 -3.74 15.21
CA GLY A 41 -15.47 -5.16 15.52
C GLY A 41 -16.13 -6.03 14.47
N ALA A 42 -17.19 -5.50 13.85
CA ALA A 42 -17.88 -6.18 12.76
C ALA A 42 -16.94 -6.39 11.57
N PHE A 43 -16.04 -5.44 11.37
CA PHE A 43 -15.08 -5.49 10.28
C PHE A 43 -14.01 -6.55 10.54
N MET A 44 -13.68 -6.75 11.80
CA MET A 44 -12.53 -7.58 12.17
C MET A 44 -12.67 -9.07 11.86
N ILE A 45 -13.87 -9.62 12.04
CA ILE A 45 -14.07 -11.05 11.74
C ILE A 45 -13.73 -11.37 10.28
N PRO A 46 -14.38 -10.68 9.32
CA PRO A 46 -14.05 -10.89 7.91
C PRO A 46 -12.58 -10.58 7.63
N TYR A 47 -12.05 -9.55 8.29
CA TYR A 47 -10.66 -9.14 8.11
C TYR A 47 -9.71 -10.27 8.50
N ILE A 48 -9.93 -10.86 9.67
CA ILE A 48 -9.12 -11.98 10.13
C ILE A 48 -9.21 -13.17 9.20
N ILE A 49 -10.43 -13.50 8.76
CA ILE A 49 -10.66 -14.63 7.88
C ILE A 49 -9.98 -14.41 6.53
N ALA A 50 -10.04 -13.17 6.05
CA ALA A 50 -9.37 -12.79 4.82
C ALA A 50 -7.86 -12.98 4.94
N PHE A 51 -7.30 -12.63 6.08
CA PHE A 51 -5.86 -12.80 6.30
C PHE A 51 -5.46 -14.27 6.21
N LEU A 52 -6.33 -15.15 6.69
CA LEU A 52 -6.03 -16.58 6.73
C LEU A 52 -6.28 -17.29 5.39
N LEU A 53 -7.29 -16.82 4.65
CA LEU A 53 -7.67 -17.48 3.41
C LEU A 53 -7.08 -16.81 2.17
N VAL A 54 -6.63 -15.57 2.32
CA VAL A 54 -6.11 -14.80 1.20
C VAL A 54 -4.73 -14.24 1.49
N GLY A 55 -4.62 -13.45 2.55
CA GLY A 55 -3.37 -12.80 2.90
C GLY A 55 -2.18 -13.74 2.95
N ILE A 56 -2.24 -14.71 3.85
CA ILE A 56 -1.15 -15.68 4.03
C ILE A 56 -0.82 -16.50 2.78
N PRO A 57 -1.84 -17.17 2.21
CA PRO A 57 -1.59 -18.00 1.01
C PRO A 57 -0.97 -17.23 -0.15
N LEU A 58 -1.53 -16.07 -0.49
CA LEU A 58 -0.99 -15.27 -1.59
C LEU A 58 0.41 -14.73 -1.32
N MET A 59 0.69 -14.42 -0.06
CA MET A 59 2.04 -13.99 0.32
C MET A 59 3.07 -15.06 -0.04
N TRP A 60 2.81 -16.30 0.38
CA TRP A 60 3.70 -17.40 0.05
C TRP A 60 3.85 -17.57 -1.46
N ILE A 61 2.73 -17.49 -2.16
CA ILE A 61 2.72 -17.65 -3.61
C ILE A 61 3.59 -16.60 -4.30
N GLU A 62 3.50 -15.34 -3.85
CA GLU A 62 4.29 -14.26 -4.43
C GLU A 62 5.77 -14.33 -4.09
N TRP A 63 6.08 -14.71 -2.85
CA TRP A 63 7.47 -14.99 -2.47
C TRP A 63 8.05 -16.06 -3.39
N ALA A 64 7.29 -17.13 -3.60
CA ALA A 64 7.74 -18.26 -4.41
C ALA A 64 7.97 -17.86 -5.86
N MET A 65 7.00 -17.17 -6.46
CA MET A 65 7.12 -16.71 -7.84
C MET A 65 8.34 -15.80 -8.00
N GLY A 66 8.54 -14.90 -7.04
CA GLY A 66 9.68 -14.01 -7.07
C GLY A 66 11.02 -14.74 -7.00
N ARG A 67 11.17 -15.62 -6.01
CA ARG A 67 12.40 -16.39 -5.87
C ARG A 67 12.63 -17.23 -7.14
N TYR A 68 11.57 -17.86 -7.61
CA TYR A 68 11.62 -18.64 -8.83
C TYR A 68 12.13 -17.83 -10.02
N GLY A 69 11.52 -16.66 -10.25
CA GLY A 69 11.93 -15.81 -11.35
C GLY A 69 13.35 -15.29 -11.19
N GLY A 70 13.69 -14.84 -9.99
CA GLY A 70 15.00 -14.31 -9.70
C GLY A 70 16.12 -15.27 -10.04
N ALA A 71 15.88 -16.57 -9.79
CA ALA A 71 16.86 -17.60 -10.07
C ALA A 71 17.24 -17.61 -11.56
N GLN A 72 16.34 -17.10 -12.39
CA GLN A 72 16.58 -17.04 -13.83
C GLN A 72 16.86 -15.62 -14.31
N GLY A 73 17.07 -14.70 -13.37
CA GLY A 73 17.38 -13.32 -13.72
C GLY A 73 16.18 -12.45 -14.05
N HIS A 74 15.01 -12.81 -13.53
CA HIS A 74 13.79 -12.05 -13.80
C HIS A 74 13.04 -11.72 -12.51
N GLY A 75 12.76 -10.43 -12.30
CA GLY A 75 12.11 -9.99 -11.08
C GLY A 75 10.67 -9.53 -11.22
N THR A 76 10.21 -9.33 -12.46
CA THR A 76 8.87 -8.82 -12.69
C THR A 76 7.99 -9.80 -13.46
N THR A 77 6.68 -9.61 -13.36
CA THR A 77 5.70 -10.56 -13.87
C THR A 77 5.57 -10.75 -15.39
N PRO A 78 5.92 -9.73 -16.20
CA PRO A 78 5.83 -10.00 -17.65
C PRO A 78 6.68 -11.21 -18.04
N ALA A 79 7.89 -11.30 -17.50
CA ALA A 79 8.77 -12.43 -17.77
C ALA A 79 8.43 -13.65 -16.92
N ILE A 80 8.18 -13.41 -15.63
CA ILE A 80 7.90 -14.49 -14.69
C ILE A 80 6.64 -15.28 -15.05
N PHE A 81 5.58 -14.56 -15.43
CA PHE A 81 4.35 -15.20 -15.87
C PHE A 81 4.62 -16.09 -17.09
N TYR A 82 5.57 -15.66 -17.92
CA TYR A 82 5.90 -16.37 -19.14
C TYR A 82 6.68 -17.64 -18.82
N LEU A 83 7.45 -17.60 -17.74
CA LEU A 83 8.20 -18.76 -17.28
C LEU A 83 7.25 -19.84 -16.76
N LEU A 84 6.16 -19.42 -16.15
CA LEU A 84 5.19 -20.33 -15.56
C LEU A 84 4.17 -20.76 -16.60
N TRP A 85 4.08 -19.98 -17.68
CA TRP A 85 3.08 -20.23 -18.71
C TRP A 85 3.57 -19.68 -20.04
N ARG A 86 4.08 -20.58 -20.89
CA ARG A 86 4.69 -20.21 -22.16
C ARG A 86 3.64 -19.79 -23.18
N ASN A 87 3.06 -18.62 -22.95
CA ASN A 87 2.00 -18.08 -23.79
C ASN A 87 2.15 -16.56 -23.87
N ARG A 88 2.03 -16.02 -25.08
CA ARG A 88 2.17 -14.57 -25.28
C ARG A 88 1.23 -13.80 -24.37
N PHE A 89 0.06 -14.39 -24.11
CA PHE A 89 -0.94 -13.79 -23.23
C PHE A 89 -0.42 -13.63 -21.80
N ALA A 90 0.51 -14.50 -21.41
CA ALA A 90 1.11 -14.41 -20.08
C ALA A 90 1.94 -13.15 -19.92
N LYS A 91 2.64 -12.76 -20.98
CA LYS A 91 3.42 -11.52 -20.99
C LYS A 91 2.51 -10.31 -20.86
N ILE A 92 1.37 -10.35 -21.53
CA ILE A 92 0.43 -9.23 -21.50
C ILE A 92 -0.21 -9.08 -20.13
N LEU A 93 -0.67 -10.19 -19.56
CA LEU A 93 -1.24 -10.18 -18.21
C LEU A 93 -0.19 -9.76 -17.20
N GLY A 94 1.08 -10.05 -17.51
CA GLY A 94 2.18 -9.71 -16.64
C GLY A 94 2.44 -8.22 -16.58
N VAL A 95 1.95 -7.49 -17.57
CA VAL A 95 2.11 -6.04 -17.60
C VAL A 95 1.44 -5.38 -16.39
N PHE A 96 0.35 -5.97 -15.91
CA PHE A 96 -0.31 -5.45 -14.72
C PHE A 96 0.62 -5.39 -13.50
N GLY A 97 1.62 -6.27 -13.48
CA GLY A 97 2.58 -6.31 -12.39
C GLY A 97 3.61 -5.21 -12.49
N LEU A 98 3.57 -4.45 -13.58
CA LEU A 98 4.34 -3.22 -13.70
C LEU A 98 3.41 -2.02 -13.58
N TRP A 99 2.22 -2.16 -14.18
CA TRP A 99 1.24 -1.08 -14.24
C TRP A 99 0.66 -0.72 -12.88
N ILE A 100 0.22 -1.73 -12.13
CA ILE A 100 -0.39 -1.48 -10.83
C ILE A 100 0.54 -0.74 -9.87
N PRO A 101 1.78 -1.24 -9.69
CA PRO A 101 2.73 -0.57 -8.79
C PRO A 101 3.08 0.84 -9.27
N LEU A 102 3.21 1.02 -10.58
CA LEU A 102 3.51 2.33 -11.14
C LEU A 102 2.38 3.34 -10.89
N VAL A 103 1.14 2.94 -11.19
CA VAL A 103 0.00 3.82 -10.97
C VAL A 103 -0.17 4.14 -9.49
N VAL A 104 -0.01 3.12 -8.65
CA VAL A 104 -0.10 3.33 -7.21
C VAL A 104 0.97 4.31 -6.74
N ALA A 105 2.20 4.11 -7.23
CA ALA A 105 3.31 4.98 -6.88
C ALA A 105 3.01 6.44 -7.24
N ILE A 106 2.30 6.62 -8.35
CA ILE A 106 1.98 7.94 -8.88
C ILE A 106 1.16 8.80 -7.91
N TYR A 107 0.32 8.17 -7.07
CA TYR A 107 -0.40 8.94 -6.05
C TYR A 107 0.12 8.68 -4.63
N TYR A 108 0.72 7.53 -4.42
CA TYR A 108 1.23 7.15 -3.11
C TYR A 108 2.37 8.05 -2.66
N VAL A 109 3.34 8.30 -3.54
CA VAL A 109 4.46 9.14 -3.20
C VAL A 109 4.02 10.58 -2.91
N TYR A 110 2.96 11.02 -3.59
CA TYR A 110 2.45 12.36 -3.35
C TYR A 110 1.84 12.44 -1.95
N ILE A 111 1.02 11.46 -1.58
CA ILE A 111 0.44 11.44 -0.25
C ILE A 111 1.55 11.36 0.81
N GLU A 112 2.57 10.56 0.50
CA GLU A 112 3.73 10.44 1.35
C GLU A 112 4.41 11.80 1.52
N SER A 113 4.43 12.58 0.43
CA SER A 113 5.04 13.89 0.49
C SER A 113 4.29 14.84 1.43
N TRP A 114 2.97 14.66 1.55
CA TRP A 114 2.19 15.47 2.51
C TRP A 114 2.64 15.21 3.94
N THR A 115 2.85 13.95 4.29
CA THR A 115 3.27 13.57 5.64
C THR A 115 4.61 14.22 6.00
N LEU A 116 5.49 14.32 5.02
CA LEU A 116 6.78 14.98 5.24
C LEU A 116 6.59 16.48 5.40
N GLY A 117 5.75 17.07 4.55
CA GLY A 117 5.47 18.49 4.62
C GLY A 117 4.85 18.87 5.95
N PHE A 118 3.88 18.08 6.41
CA PHE A 118 3.27 18.29 7.71
C PHE A 118 4.28 18.09 8.86
N ALA A 119 5.13 17.05 8.74
CA ALA A 119 6.12 16.80 9.77
C ALA A 119 7.01 18.01 9.97
N ILE A 120 7.50 18.57 8.85
CA ILE A 120 8.33 19.77 8.88
C ILE A 120 7.62 20.96 9.53
N LYS A 121 6.38 21.24 9.10
CA LYS A 121 5.64 22.38 9.62
C LYS A 121 5.24 22.23 11.09
N PHE A 122 4.96 20.99 11.50
CA PHE A 122 4.61 20.74 12.88
C PHE A 122 5.84 20.83 13.79
N LEU A 123 7.00 20.41 13.28
CA LEU A 123 8.25 20.53 14.00
C LEU A 123 8.58 21.99 14.31
N VAL A 124 8.48 22.84 13.30
CA VAL A 124 8.86 24.25 13.41
C VAL A 124 7.73 25.09 13.97
N GLY A 125 6.60 24.44 14.29
CA GLY A 125 5.48 25.12 14.89
C GLY A 125 4.71 26.05 13.97
N LEU A 126 4.87 25.86 12.67
CA LEU A 126 4.12 26.65 11.69
C LEU A 126 2.78 25.99 11.41
N VAL A 127 1.98 25.85 12.45
CA VAL A 127 0.69 25.16 12.36
C VAL A 127 -0.41 26.09 12.84
N PRO A 128 -1.67 25.72 12.56
CA PRO A 128 -2.79 26.57 12.99
C PRO A 128 -2.94 26.59 14.50
N GLU A 129 -3.42 27.71 15.03
CA GLU A 129 -3.68 27.84 16.45
C GLU A 129 -5.17 28.06 16.68
N PRO A 130 -5.87 27.00 17.15
CA PRO A 130 -7.30 27.07 17.44
C PRO A 130 -7.59 28.07 18.55
N PRO A 131 -8.84 28.57 18.61
CA PRO A 131 -9.27 29.52 19.65
C PRO A 131 -9.35 28.86 21.02
N PRO A 132 -8.64 29.42 22.00
CA PRO A 132 -8.66 28.90 23.38
C PRO A 132 -10.03 29.10 24.02
N THR A 135 -15.49 27.19 23.01
CA THR A 135 -14.70 26.48 22.01
C THR A 135 -15.43 25.25 21.49
N ASP A 136 -16.33 25.46 20.53
CA ASP A 136 -17.03 24.33 19.90
C ASP A 136 -16.04 23.48 19.12
N PRO A 137 -16.36 22.20 18.91
CA PRO A 137 -15.50 21.26 18.20
C PRO A 137 -15.10 21.75 16.81
N ASP A 138 -15.96 22.54 16.19
CA ASP A 138 -15.72 22.99 14.82
C ASP A 138 -14.76 24.17 14.75
N SER A 139 -14.73 25.00 15.80
CA SER A 139 -13.80 26.12 15.83
C SER A 139 -12.37 25.63 16.02
N ILE A 140 -12.23 24.36 16.38
CA ILE A 140 -10.91 23.75 16.55
C ILE A 140 -10.49 22.99 15.29
N LEU A 141 -11.42 22.23 14.71
CA LEU A 141 -11.15 21.44 13.52
C LEU A 141 -10.95 22.30 12.28
N ARG A 142 -11.80 23.31 12.12
CA ARG A 142 -11.77 24.16 10.93
C ARG A 142 -10.37 24.69 10.58
N PRO A 143 -9.65 25.22 11.59
CA PRO A 143 -8.30 25.72 11.31
C PRO A 143 -7.40 24.64 10.70
N PHE A 144 -7.65 23.39 11.06
CA PHE A 144 -6.82 22.29 10.58
C PHE A 144 -7.29 21.77 9.22
N LYS A 145 -8.59 21.90 8.96
CA LYS A 145 -9.12 21.56 7.64
C LYS A 145 -8.56 22.55 6.62
N GLU A 146 -8.58 23.83 6.98
CA GLU A 146 -8.08 24.88 6.10
C GLU A 146 -6.58 24.72 5.88
N PHE A 147 -5.90 24.23 6.90
CA PHE A 147 -4.47 23.96 6.81
C PHE A 147 -4.18 22.90 5.75
N LEU A 148 -4.94 21.82 5.78
CA LEU A 148 -4.78 20.78 4.78
C LEU A 148 -5.23 21.27 3.40
N TYR A 149 -6.36 21.96 3.37
CA TYR A 149 -6.96 22.43 2.13
C TYR A 149 -6.05 23.43 1.41
N SER A 150 -5.32 24.24 2.18
CA SER A 150 -4.38 25.19 1.60
C SER A 150 -3.12 24.51 1.11
N TYR A 151 -2.76 23.40 1.76
CA TYR A 151 -1.55 22.66 1.41
C TYR A 151 -1.72 21.99 0.05
N ILE A 152 -2.80 21.23 -0.10
CA ILE A 152 -3.02 20.48 -1.34
C ILE A 152 -3.83 21.28 -2.37
N GLY A 153 -4.46 22.36 -1.91
CA GLY A 153 -5.16 23.28 -2.79
C GLY A 153 -6.54 22.83 -3.26
N VAL A 154 -7.37 22.40 -2.32
CA VAL A 154 -8.76 22.02 -2.61
C VAL A 154 -9.52 23.13 -3.36
N PRO A 155 -10.29 22.75 -4.40
CA PRO A 155 -11.05 23.71 -5.21
C PRO A 155 -11.99 24.57 -4.37
N LYS A 156 -11.91 25.89 -4.57
CA LYS A 156 -12.79 26.82 -3.85
C LYS A 156 -13.96 27.23 -4.73
N GLY A 157 -13.89 26.86 -6.00
CA GLY A 157 -14.95 27.18 -6.94
C GLY A 157 -15.60 25.93 -7.54
N ASP A 158 -15.97 26.02 -8.81
CA ASP A 158 -16.69 24.94 -9.48
C ASP A 158 -15.77 24.08 -10.36
N GLU A 159 -14.59 24.60 -10.67
CA GLU A 159 -13.64 23.89 -11.50
C GLU A 159 -12.90 22.81 -10.69
N PRO A 160 -12.86 21.58 -11.23
CA PRO A 160 -12.26 20.41 -10.56
C PRO A 160 -10.74 20.47 -10.54
N ILE A 161 -10.21 21.63 -10.19
CA ILE A 161 -8.78 21.88 -10.28
C ILE A 161 -8.17 22.13 -8.90
N LEU A 162 -7.04 21.47 -8.62
CA LEU A 162 -6.33 21.65 -7.37
C LEU A 162 -5.19 22.65 -7.56
N LYS A 163 -4.85 23.36 -6.49
CA LYS A 163 -3.77 24.34 -6.54
C LYS A 163 -2.85 24.21 -5.32
N PRO A 164 -2.01 23.17 -5.30
CA PRO A 164 -1.10 22.93 -4.17
C PRO A 164 -0.17 24.11 -3.94
N SER A 165 0.14 24.36 -2.68
CA SER A 165 1.04 25.45 -2.31
C SER A 165 2.45 25.19 -2.85
N LEU A 166 3.25 26.24 -2.95
CA LEU A 166 4.62 26.12 -3.39
C LEU A 166 5.39 25.16 -2.47
N PHE A 167 5.10 25.25 -1.18
CA PHE A 167 5.74 24.38 -0.20
C PHE A 167 5.45 22.91 -0.48
N ALA A 168 4.17 22.58 -0.68
CA ALA A 168 3.76 21.21 -1.01
C ALA A 168 4.46 20.68 -2.25
N TYR A 169 4.56 21.52 -3.27
CA TYR A 169 5.22 21.13 -4.52
C TYR A 169 6.69 20.83 -4.30
N ILE A 170 7.37 21.73 -3.59
CA ILE A 170 8.80 21.56 -3.34
C ILE A 170 9.06 20.32 -2.48
N VAL A 171 8.16 20.08 -1.54
CA VAL A 171 8.28 18.92 -0.66
C VAL A 171 8.11 17.60 -1.45
N PHE A 172 7.23 17.62 -2.45
CA PHE A 172 7.09 16.46 -3.33
C PHE A 172 8.39 16.18 -4.06
N LEU A 173 9.04 17.22 -4.58
CA LEU A 173 10.35 17.07 -5.20
C LEU A 173 11.37 16.46 -4.23
N ILE A 174 11.35 16.92 -2.99
CA ILE A 174 12.28 16.41 -1.98
C ILE A 174 12.00 14.94 -1.68
N THR A 175 10.73 14.59 -1.61
CA THR A 175 10.31 13.21 -1.35
C THR A 175 10.77 12.28 -2.47
N MET A 176 10.61 12.72 -3.72
CA MET A 176 11.09 11.95 -4.86
C MET A 176 12.59 11.78 -4.77
N PHE A 177 13.27 12.88 -4.42
CA PHE A 177 14.72 12.83 -4.27
C PHE A 177 15.14 11.82 -3.21
N ILE A 178 14.41 11.79 -2.10
CA ILE A 178 14.71 10.87 -1.01
C ILE A 178 14.48 9.43 -1.43
N ASN A 179 13.36 9.16 -2.11
CA ASN A 179 13.13 7.83 -2.65
C ASN A 179 14.26 7.39 -3.57
N VAL A 180 14.70 8.30 -4.44
CA VAL A 180 15.75 8.01 -5.40
C VAL A 180 17.09 7.73 -4.73
N SER A 181 17.40 8.47 -3.67
CA SER A 181 18.68 8.33 -3.00
C SER A 181 18.82 6.94 -2.36
N ILE A 182 17.70 6.37 -1.93
CA ILE A 182 17.72 5.01 -1.40
C ILE A 182 17.77 3.97 -2.51
N LEU A 183 16.90 4.12 -3.50
CA LEU A 183 16.77 3.14 -4.58
C LEU A 183 18.03 3.06 -5.43
N ILE A 184 18.67 4.20 -5.61
CA ILE A 184 19.84 4.27 -6.49
C ILE A 184 21.03 3.47 -5.93
N ARG A 185 21.01 3.20 -4.62
CA ARG A 185 22.09 2.41 -4.02
C ARG A 185 21.79 0.91 -4.06
N GLY A 186 20.62 0.55 -4.59
CA GLY A 186 20.31 -0.84 -4.84
C GLY A 186 19.60 -1.57 -3.71
N ILE A 187 19.64 -2.90 -3.78
CA ILE A 187 18.92 -3.76 -2.84
C ILE A 187 19.59 -3.83 -1.45
N SER A 188 20.81 -4.32 -1.40
CA SER A 188 21.49 -4.52 -0.11
C SER A 188 21.98 -3.22 0.53
N LYS A 189 22.64 -2.38 -0.25
CA LYS A 189 23.21 -1.13 0.26
C LYS A 189 22.19 0.02 0.30
N GLY A 190 21.05 -0.17 -0.36
CA GLY A 190 20.02 0.85 -0.40
C GLY A 190 18.80 0.48 0.42
N ILE A 191 17.93 -0.33 -0.15
CA ILE A 191 16.67 -0.69 0.50
C ILE A 191 16.89 -1.44 1.82
N GLU A 192 17.80 -2.39 1.82
CA GLU A 192 18.06 -3.21 2.99
C GLU A 192 18.64 -2.38 4.14
N ARG A 193 19.67 -1.59 3.86
CA ARG A 193 20.26 -0.72 4.88
C ARG A 193 19.21 0.19 5.50
N PHE A 194 18.45 0.88 4.65
CA PHE A 194 17.45 1.82 5.14
C PHE A 194 16.40 1.12 5.99
N ALA A 195 15.94 -0.03 5.54
CA ALA A 195 14.96 -0.81 6.30
C ALA A 195 15.41 -1.06 7.73
N LYS A 196 16.68 -1.43 7.91
CA LYS A 196 17.21 -1.72 9.24
C LYS A 196 17.14 -0.52 10.18
N ILE A 197 17.19 0.68 9.60
CA ILE A 197 17.07 1.91 10.36
C ILE A 197 15.62 2.35 10.49
N ALA A 198 14.85 2.18 9.42
CA ALA A 198 13.49 2.71 9.36
C ALA A 198 12.49 1.94 10.23
N MET A 199 12.58 0.61 10.21
CA MET A 199 11.58 -0.21 10.88
C MET A 199 11.62 -0.09 12.41
N PRO A 200 12.82 -0.19 13.02
CA PRO A 200 12.95 0.02 14.47
C PRO A 200 12.47 1.41 14.87
N THR A 201 12.88 2.43 14.13
CA THR A 201 12.44 3.80 14.39
C THR A 201 10.93 3.87 14.32
N LEU A 202 10.38 3.34 13.23
CA LEU A 202 8.96 3.32 12.98
C LEU A 202 8.21 2.67 14.15
N PHE A 203 8.68 1.50 14.57
CA PHE A 203 8.07 0.75 15.64
C PHE A 203 8.06 1.54 16.96
N ILE A 204 9.16 2.22 17.24
CA ILE A 204 9.30 2.98 18.48
C ILE A 204 8.33 4.17 18.52
N LEU A 205 8.30 4.93 17.43
CA LEU A 205 7.39 6.06 17.32
C LEU A 205 5.94 5.62 17.52
N ALA A 206 5.58 4.49 16.90
CA ALA A 206 4.21 4.02 16.96
C ALA A 206 3.82 3.62 18.38
N VAL A 207 4.67 2.84 19.04
CA VAL A 207 4.42 2.42 20.41
C VAL A 207 4.28 3.63 21.33
N PHE A 208 5.15 4.62 21.13
CA PHE A 208 5.05 5.84 21.92
C PHE A 208 3.71 6.53 21.71
N LEU A 209 3.34 6.69 20.43
CA LEU A 209 2.07 7.33 20.08
C LEU A 209 0.90 6.56 20.68
N VAL A 210 0.94 5.24 20.61
CA VAL A 210 -0.12 4.43 21.21
C VAL A 210 -0.24 4.74 22.70
N ILE A 211 0.89 4.77 23.39
CA ILE A 211 0.92 5.05 24.82
C ILE A 211 0.33 6.43 25.10
N ARG A 212 0.86 7.44 24.42
CA ARG A 212 0.35 8.80 24.58
C ARG A 212 -1.15 8.82 24.38
N VAL A 213 -1.62 8.20 23.31
CA VAL A 213 -3.05 8.18 23.00
C VAL A 213 -3.86 7.49 24.11
N PHE A 214 -3.30 6.44 24.69
CA PHE A 214 -3.99 5.71 25.75
C PHE A 214 -4.19 6.55 27.01
N LEU A 215 -3.52 7.70 27.06
CA LEU A 215 -3.65 8.62 28.19
C LEU A 215 -4.72 9.69 27.95
N LEU A 216 -5.35 9.65 26.77
CA LEU A 216 -6.37 10.63 26.42
C LEU A 216 -7.71 10.36 27.11
N GLU A 217 -8.25 11.40 27.74
CA GLU A 217 -9.52 11.30 28.41
C GLU A 217 -10.25 12.64 28.41
N THR A 218 -11.54 12.60 28.14
CA THR A 218 -12.36 13.81 28.12
C THR A 218 -13.75 13.47 28.64
N PRO A 219 -14.59 14.49 28.88
CA PRO A 219 -15.98 14.24 29.28
C PRO A 219 -16.69 13.31 28.30
N ASN A 220 -16.20 13.22 27.07
CA ASN A 220 -16.81 12.39 26.04
C ASN A 220 -16.36 10.94 26.06
N GLY A 221 -15.27 10.65 26.76
CA GLY A 221 -14.81 9.28 26.89
C GLY A 221 -13.31 9.10 27.00
N THR A 222 -12.87 7.85 26.80
CA THR A 222 -11.46 7.50 26.91
C THR A 222 -11.03 6.70 25.68
N ALA A 223 -9.71 6.53 25.55
CA ALA A 223 -9.16 5.75 24.46
C ALA A 223 -9.65 4.30 24.53
N ALA A 224 -9.96 3.86 25.74
CA ALA A 224 -10.46 2.50 25.95
C ALA A 224 -11.78 2.27 25.25
N ASP A 225 -12.60 3.31 25.18
CA ASP A 225 -13.89 3.23 24.49
C ASP A 225 -13.67 2.91 23.02
N GLY A 226 -12.60 3.46 22.45
CA GLY A 226 -12.29 3.23 21.05
C GLY A 226 -11.89 1.80 20.80
N LEU A 227 -11.06 1.26 21.69
CA LEU A 227 -10.57 -0.11 21.59
C LEU A 227 -11.72 -1.10 21.59
N ASN A 228 -12.63 -0.96 22.56
CA ASN A 228 -13.78 -1.85 22.66
C ASN A 228 -14.68 -1.80 21.43
N PHE A 229 -14.76 -0.63 20.80
CA PHE A 229 -15.52 -0.49 19.56
C PHE A 229 -14.88 -1.27 18.41
N LEU A 230 -13.55 -1.34 18.42
CA LEU A 230 -12.80 -2.01 17.35
C LEU A 230 -12.74 -3.52 17.56
N TRP A 231 -12.80 -3.95 18.81
CA TRP A 231 -12.58 -5.36 19.14
C TRP A 231 -13.81 -6.06 19.71
N THR A 232 -14.99 -5.50 19.49
CA THR A 232 -16.24 -6.13 19.90
C THR A 232 -16.95 -6.74 18.69
N PRO A 233 -17.01 -8.07 18.64
CA PRO A 233 -17.63 -8.80 17.53
C PRO A 233 -19.10 -8.43 17.31
N ASP A 234 -19.46 -8.16 16.07
CA ASP A 234 -20.84 -7.88 15.70
C ASP A 234 -21.28 -8.87 14.64
N PHE A 235 -21.69 -10.06 15.07
CA PHE A 235 -21.97 -11.17 14.16
C PHE A 235 -23.12 -10.91 13.19
N GLU A 236 -23.73 -9.74 13.28
CA GLU A 236 -24.87 -9.42 12.42
C GLU A 236 -24.44 -8.74 11.12
N LYS A 237 -23.22 -8.21 11.11
CA LYS A 237 -22.69 -7.56 9.92
C LYS A 237 -21.93 -8.54 9.03
N LEU A 238 -21.63 -9.71 9.58
CA LEU A 238 -20.88 -10.72 8.84
C LEU A 238 -21.69 -11.29 7.69
N LYS A 239 -22.86 -10.71 7.46
CA LYS A 239 -23.74 -11.17 6.39
C LYS A 239 -23.74 -10.15 5.25
N ASP A 240 -23.21 -8.97 5.54
CA ASP A 240 -23.15 -7.89 4.55
C ASP A 240 -21.92 -8.04 3.66
N PRO A 241 -22.15 -8.25 2.35
CA PRO A 241 -21.08 -8.42 1.37
C PRO A 241 -20.12 -7.24 1.32
N GLY A 242 -20.64 -6.04 1.55
CA GLY A 242 -19.84 -4.83 1.55
C GLY A 242 -18.68 -4.88 2.51
N VAL A 243 -18.91 -5.46 3.68
CA VAL A 243 -17.88 -5.57 4.70
C VAL A 243 -16.78 -6.51 4.25
N TRP A 244 -17.18 -7.66 3.71
CA TRP A 244 -16.23 -8.64 3.20
C TRP A 244 -15.35 -8.04 2.11
N ILE A 245 -15.96 -7.30 1.20
CA ILE A 245 -15.23 -6.61 0.15
C ILE A 245 -14.24 -5.60 0.73
N ALA A 246 -14.66 -4.88 1.74
CA ALA A 246 -13.80 -3.90 2.39
C ALA A 246 -12.61 -4.60 3.06
N ALA A 247 -12.90 -5.69 3.77
CA ALA A 247 -11.89 -6.44 4.51
C ALA A 247 -10.83 -7.04 3.57
N VAL A 248 -11.28 -7.68 2.51
CA VAL A 248 -10.37 -8.30 1.56
C VAL A 248 -9.52 -7.25 0.84
N GLY A 249 -10.14 -6.14 0.49
CA GLY A 249 -9.43 -5.04 -0.14
C GLY A 249 -8.32 -4.50 0.74
N GLN A 250 -8.60 -4.37 2.04
CA GLN A 250 -7.63 -3.87 2.99
C GLN A 250 -6.51 -4.88 3.18
N ILE A 251 -6.87 -6.15 3.26
CA ILE A 251 -5.89 -7.23 3.36
C ILE A 251 -4.90 -7.19 2.20
N PHE A 252 -5.41 -7.00 0.99
CA PHE A 252 -4.56 -6.90 -0.20
C PHE A 252 -3.64 -5.69 -0.10
N PHE A 253 -4.25 -4.51 0.04
CA PHE A 253 -3.48 -3.28 0.06
C PHE A 253 -2.45 -3.34 1.18
N THR A 254 -2.87 -3.85 2.33
CA THR A 254 -2.02 -3.88 3.52
C THR A 254 -0.81 -4.80 3.34
N LEU A 255 -1.00 -5.95 2.74
CA LEU A 255 0.12 -6.86 2.59
C LEU A 255 0.92 -6.59 1.33
N SER A 256 0.51 -5.57 0.56
CA SER A 256 1.15 -5.24 -0.72
C SER A 256 0.95 -6.35 -1.76
N LEU A 257 -0.13 -7.12 -1.61
CA LEU A 257 -0.42 -8.20 -2.54
C LEU A 257 -1.10 -7.68 -3.80
N GLY A 258 -0.66 -8.18 -4.95
CA GLY A 258 -1.21 -7.77 -6.22
C GLY A 258 -0.49 -6.56 -6.80
N PHE A 259 0.56 -6.10 -6.11
CA PHE A 259 1.32 -4.92 -6.51
C PHE A 259 2.54 -5.31 -7.34
N GLY A 260 2.84 -6.60 -7.40
CA GLY A 260 4.06 -7.07 -8.03
C GLY A 260 5.29 -6.70 -7.22
N ALA A 261 5.08 -6.11 -6.04
CA ALA A 261 6.16 -5.59 -5.21
C ALA A 261 6.79 -6.68 -4.35
N ILE A 262 5.96 -7.54 -3.78
CA ILE A 262 6.46 -8.68 -3.01
C ILE A 262 7.25 -9.58 -3.95
N ILE A 263 6.72 -9.77 -5.15
CA ILE A 263 7.38 -10.60 -6.14
C ILE A 263 8.78 -10.08 -6.49
N THR A 264 8.86 -8.79 -6.79
CA THR A 264 10.15 -8.22 -7.17
C THR A 264 11.17 -8.28 -6.03
N TYR A 265 10.73 -8.01 -4.81
CA TYR A 265 11.61 -8.13 -3.64
C TYR A 265 12.11 -9.55 -3.47
N ALA A 266 11.19 -10.51 -3.60
CA ALA A 266 11.53 -11.92 -3.43
C ALA A 266 12.49 -12.43 -4.51
N SER A 267 12.52 -11.75 -5.65
CA SER A 267 13.41 -12.15 -6.74
C SER A 267 14.89 -11.90 -6.38
N TYR A 268 15.11 -11.32 -5.21
CA TYR A 268 16.48 -11.09 -4.72
C TYR A 268 16.82 -12.02 -3.57
N VAL A 269 15.88 -12.90 -3.25
CA VAL A 269 16.13 -14.00 -2.31
C VAL A 269 16.81 -15.15 -3.05
N ARG A 270 17.89 -15.66 -2.48
CA ARG A 270 18.66 -16.74 -3.11
C ARG A 270 17.79 -17.97 -3.37
N LYS A 271 18.07 -18.66 -4.47
CA LYS A 271 17.24 -19.76 -4.96
C LYS A 271 16.88 -20.78 -3.88
N ASP A 272 17.79 -21.00 -2.94
CA ASP A 272 17.62 -22.03 -1.93
C ASP A 272 17.08 -21.47 -0.62
N GLN A 273 17.17 -20.16 -0.47
CA GLN A 273 16.81 -19.49 0.78
C GLN A 273 15.33 -19.64 1.12
N ASP A 274 15.04 -19.82 2.40
CA ASP A 274 13.67 -20.01 2.87
C ASP A 274 12.76 -18.82 2.54
N ILE A 275 11.51 -19.12 2.21
CA ILE A 275 10.49 -18.10 1.97
C ILE A 275 9.24 -18.37 2.79
N VAL A 276 9.14 -19.58 3.36
CA VAL A 276 7.97 -19.96 4.13
C VAL A 276 7.91 -19.21 5.46
N LEU A 277 8.97 -19.33 6.25
CA LEU A 277 9.01 -18.69 7.56
C LEU A 277 9.22 -17.18 7.41
N SER A 278 10.06 -16.80 6.46
CA SER A 278 10.31 -15.39 6.18
C SER A 278 9.03 -14.70 5.72
N GLY A 279 8.31 -15.32 4.79
CA GLY A 279 7.06 -14.78 4.31
C GLY A 279 6.05 -14.60 5.42
N LEU A 280 5.84 -15.66 6.19
CA LEU A 280 4.91 -15.63 7.31
C LEU A 280 5.28 -14.56 8.34
N THR A 281 6.57 -14.43 8.62
CA THR A 281 7.06 -13.45 9.58
C THR A 281 6.76 -12.03 9.11
N ALA A 282 7.10 -11.74 7.86
CA ALA A 282 6.86 -10.42 7.29
C ALA A 282 5.37 -10.07 7.34
N ALA A 283 4.54 -11.05 7.02
CA ALA A 283 3.10 -10.85 7.01
C ALA A 283 2.56 -10.60 8.43
N THR A 284 3.09 -11.36 9.38
CA THR A 284 2.66 -11.26 10.78
C THR A 284 3.11 -9.94 11.39
N LEU A 285 4.32 -9.50 11.04
CA LEU A 285 4.82 -8.20 11.47
C LEU A 285 3.86 -7.09 11.04
N ASN A 286 3.42 -7.15 9.78
CA ASN A 286 2.49 -6.17 9.26
C ASN A 286 1.16 -6.16 10.00
N GLU A 287 0.61 -7.35 10.23
CA GLU A 287 -0.66 -7.45 10.92
C GLU A 287 -0.60 -6.85 12.33
N LYS A 288 0.52 -7.07 13.01
CA LYS A 288 0.70 -6.51 14.35
C LYS A 288 0.75 -4.98 14.28
N ALA A 289 1.53 -4.46 13.34
CA ALA A 289 1.63 -3.02 13.15
C ALA A 289 0.27 -2.42 12.79
N GLU A 290 -0.57 -3.21 12.14
CA GLU A 290 -1.88 -2.73 11.68
C GLU A 290 -2.95 -2.73 12.78
N VAL A 291 -3.22 -3.90 13.33
CA VAL A 291 -4.33 -4.04 14.28
C VAL A 291 -3.96 -3.56 15.68
N ILE A 292 -2.70 -3.69 16.04
CA ILE A 292 -2.24 -3.30 17.38
C ILE A 292 -1.76 -1.86 17.42
N LEU A 293 -0.94 -1.47 16.44
CA LEU A 293 -0.40 -0.12 16.41
C LEU A 293 -1.33 0.84 15.68
N GLY A 294 -1.53 0.62 14.38
CA GLY A 294 -2.40 1.48 13.59
C GLY A 294 -3.80 1.57 14.17
N GLY A 295 -4.30 0.43 14.64
CA GLY A 295 -5.64 0.37 15.20
C GLY A 295 -5.81 1.09 16.53
N SER A 296 -4.73 1.24 17.28
CA SER A 296 -4.80 1.80 18.63
C SER A 296 -4.48 3.30 18.72
N ILE A 297 -4.24 3.94 17.57
CA ILE A 297 -3.91 5.36 17.57
C ILE A 297 -5.07 6.28 17.20
N SER A 298 -5.46 6.28 15.93
CA SER A 298 -6.48 7.19 15.40
C SER A 298 -7.85 7.03 16.03
N ILE A 299 -8.40 5.82 15.97
CA ILE A 299 -9.74 5.57 16.46
C ILE A 299 -9.90 5.94 17.94
N PRO A 300 -9.08 5.35 18.83
CA PRO A 300 -9.20 5.64 20.26
C PRO A 300 -9.06 7.13 20.57
N ALA A 301 -8.18 7.83 19.87
CA ALA A 301 -8.02 9.26 20.07
C ALA A 301 -9.28 10.01 19.67
N ALA A 302 -9.86 9.62 18.54
CA ALA A 302 -11.08 10.25 18.03
C ALA A 302 -12.28 9.97 18.94
N VAL A 303 -12.41 8.71 19.36
CA VAL A 303 -13.50 8.32 20.23
C VAL A 303 -13.40 8.99 21.60
N ALA A 304 -12.17 9.17 22.07
CA ALA A 304 -11.94 9.78 23.37
C ALA A 304 -12.48 11.19 23.41
N PHE A 305 -12.28 11.93 22.32
CA PHE A 305 -12.69 13.33 22.27
C PHE A 305 -14.11 13.54 21.75
N PHE A 306 -14.59 12.61 20.93
CA PHE A 306 -15.86 12.80 20.23
C PHE A 306 -16.92 11.74 20.52
N GLY A 307 -16.50 10.59 21.04
CA GLY A 307 -17.39 9.46 21.22
C GLY A 307 -17.47 8.63 19.96
N VAL A 308 -17.95 7.39 20.10
CA VAL A 308 -17.99 6.45 18.97
C VAL A 308 -18.76 6.99 17.76
N ALA A 309 -19.99 7.40 17.99
CA ALA A 309 -20.86 7.85 16.90
C ALA A 309 -20.21 8.94 16.05
N ASN A 310 -19.61 9.93 16.72
CA ASN A 310 -18.97 11.03 16.02
C ASN A 310 -17.73 10.61 15.27
N ALA A 311 -16.95 9.72 15.88
CA ALA A 311 -15.72 9.22 15.28
C ALA A 311 -16.00 8.50 13.96
N VAL A 312 -17.08 7.72 13.95
CA VAL A 312 -17.48 6.99 12.75
C VAL A 312 -17.86 7.95 11.62
N ALA A 313 -18.59 9.01 11.98
CA ALA A 313 -19.01 10.02 11.02
C ALA A 313 -17.81 10.76 10.45
N ILE A 314 -16.84 11.06 11.31
CA ILE A 314 -15.61 11.70 10.88
C ILE A 314 -14.88 10.83 9.86
N ALA A 315 -14.69 9.56 10.20
CA ALA A 315 -14.02 8.61 9.32
C ALA A 315 -14.72 8.52 7.96
N LYS A 316 -16.05 8.43 7.98
CA LYS A 316 -16.83 8.35 6.75
C LYS A 316 -16.72 9.64 5.95
N ALA A 317 -16.50 10.75 6.65
CA ALA A 317 -16.45 12.07 6.03
C ALA A 317 -15.46 12.11 4.89
N GLY A 318 -14.24 11.66 5.15
CA GLY A 318 -13.20 11.62 4.13
C GLY A 318 -12.22 10.51 4.40
N ALA A 319 -11.19 10.40 3.56
CA ALA A 319 -10.17 9.39 3.74
C ALA A 319 -8.96 9.97 4.48
N PHE A 320 -8.79 11.29 4.38
CA PHE A 320 -7.65 11.95 4.99
C PHE A 320 -8.08 12.81 6.19
N ASN A 321 -9.38 12.81 6.47
CA ASN A 321 -9.92 13.61 7.56
C ASN A 321 -9.33 13.20 8.90
N LEU A 322 -9.35 11.90 9.16
CA LEU A 322 -8.92 11.37 10.44
C LEU A 322 -7.44 11.62 10.70
N GLY A 323 -6.62 11.36 9.68
CA GLY A 323 -5.18 11.42 9.81
C GLY A 323 -4.53 12.79 9.64
N PHE A 324 -5.10 13.63 8.80
CA PHE A 324 -4.48 14.92 8.49
C PHE A 324 -5.17 16.11 9.16
N ILE A 325 -6.39 15.89 9.64
CA ILE A 325 -7.17 16.97 10.21
C ILE A 325 -7.54 16.68 11.65
N THR A 326 -8.23 15.57 11.87
CA THR A 326 -8.80 15.26 13.18
C THR A 326 -7.75 14.97 14.24
N LEU A 327 -6.79 14.10 13.91
CA LEU A 327 -5.77 13.73 14.89
C LEU A 327 -4.91 14.91 15.33
N PRO A 328 -4.37 15.68 14.37
CA PRO A 328 -3.59 16.85 14.76
C PRO A 328 -4.43 17.87 15.55
N ALA A 329 -5.70 18.00 15.20
CA ALA A 329 -6.60 18.89 15.92
C ALA A 329 -6.76 18.44 17.36
N ILE A 330 -7.00 17.16 17.55
CA ILE A 330 -7.08 16.57 18.88
C ILE A 330 -5.79 16.78 19.66
N PHE A 331 -4.64 16.54 19.03
CA PHE A 331 -3.35 16.70 19.68
C PHE A 331 -3.09 18.14 20.14
N SER A 332 -3.57 19.10 19.34
CA SER A 332 -3.34 20.51 19.64
C SER A 332 -4.00 20.92 20.95
N GLN A 333 -4.86 20.05 21.47
CA GLN A 333 -5.57 20.33 22.72
C GLN A 333 -4.82 19.74 23.91
N THR A 334 -3.65 19.16 23.65
CA THR A 334 -2.86 18.51 24.69
C THR A 334 -1.47 19.12 24.80
N ALA A 335 -0.88 19.03 25.99
CA ALA A 335 0.46 19.55 26.23
C ALA A 335 1.48 18.88 25.32
N GLY A 336 2.24 19.69 24.59
CA GLY A 336 3.22 19.18 23.65
C GLY A 336 2.57 18.56 22.42
N GLY A 337 1.32 18.91 22.18
CA GLY A 337 0.53 18.33 21.10
C GLY A 337 1.06 18.60 19.69
N THR A 338 1.64 19.78 19.49
CA THR A 338 2.24 20.12 18.21
C THR A 338 3.41 19.17 17.89
N PHE A 339 4.19 18.83 18.91
CA PHE A 339 5.30 17.90 18.75
C PHE A 339 4.80 16.48 18.57
N LEU A 340 3.70 16.16 19.23
CA LEU A 340 3.08 14.84 19.07
C LEU A 340 2.56 14.70 17.64
N GLY A 341 2.07 15.80 17.09
CA GLY A 341 1.67 15.85 15.69
C GLY A 341 2.85 15.58 14.79
N PHE A 342 4.00 16.16 15.11
CA PHE A 342 5.23 15.93 14.36
C PHE A 342 5.63 14.46 14.37
N LEU A 343 5.58 13.83 15.54
CA LEU A 343 5.94 12.42 15.63
C LEU A 343 4.98 11.56 14.80
N TRP A 344 3.70 11.93 14.80
CA TRP A 344 2.68 11.25 14.01
C TRP A 344 3.02 11.29 12.52
N PHE A 345 3.21 12.51 12.00
CA PHE A 345 3.54 12.68 10.59
C PHE A 345 4.91 12.14 10.19
N PHE A 346 5.87 12.18 11.12
CA PHE A 346 7.17 11.57 10.88
C PHE A 346 7.03 10.05 10.77
N LEU A 347 6.22 9.47 11.65
CA LEU A 347 5.88 8.06 11.56
C LEU A 347 5.26 7.70 10.21
N LEU A 348 4.29 8.49 9.77
CA LEU A 348 3.62 8.28 8.50
C LEU A 348 4.62 8.36 7.35
N PHE A 349 5.54 9.32 7.44
CA PHE A 349 6.51 9.50 6.37
C PHE A 349 7.44 8.29 6.20
N PHE A 350 7.98 7.79 7.32
CA PHE A 350 8.83 6.60 7.29
C PHE A 350 8.02 5.37 6.89
N ALA A 351 6.78 5.31 7.34
CA ALA A 351 5.89 4.25 6.92
C ALA A 351 5.61 4.39 5.43
N GLY A 352 5.52 5.62 4.92
CA GLY A 352 5.29 5.81 3.50
C GLY A 352 6.53 5.48 2.69
N LEU A 353 7.66 6.03 3.12
CA LEU A 353 8.92 5.90 2.40
C LEU A 353 9.33 4.45 2.15
N THR A 354 9.27 3.61 3.18
CA THR A 354 9.70 2.23 3.02
C THR A 354 8.77 1.44 2.08
N SER A 355 7.60 2.01 1.78
CA SER A 355 6.62 1.35 0.91
C SER A 355 6.77 1.83 -0.51
N SER A 356 7.03 3.12 -0.67
CA SER A 356 7.12 3.69 -2.00
C SER A 356 8.36 3.17 -2.74
N ILE A 357 9.45 2.89 -2.01
CA ILE A 357 10.62 2.31 -2.65
C ILE A 357 10.30 0.88 -3.12
N ALA A 358 9.45 0.19 -2.37
CA ALA A 358 9.01 -1.16 -2.75
C ALA A 358 8.14 -1.18 -4.02
N ILE A 359 7.27 -0.19 -4.18
CA ILE A 359 6.38 -0.21 -5.34
C ILE A 359 6.99 0.45 -6.57
N MET A 360 8.14 1.09 -6.40
CA MET A 360 8.86 1.62 -7.55
C MET A 360 9.92 0.65 -8.09
N GLN A 361 10.36 -0.26 -7.22
CA GLN A 361 11.40 -1.23 -7.58
C GLN A 361 11.02 -2.19 -8.72
N PRO A 362 9.73 -2.55 -8.84
CA PRO A 362 9.36 -3.43 -9.96
C PRO A 362 9.68 -2.81 -11.31
N MET A 363 9.36 -1.53 -11.49
CA MET A 363 9.70 -0.81 -12.72
C MET A 363 11.22 -0.77 -12.89
N ILE A 364 11.93 -0.53 -11.80
CA ILE A 364 13.39 -0.51 -11.82
C ILE A 364 13.97 -1.87 -12.22
N ALA A 365 13.46 -2.92 -11.59
CA ALA A 365 13.89 -4.29 -11.90
C ALA A 365 13.63 -4.65 -13.36
N PHE A 366 12.49 -4.21 -13.89
CA PHE A 366 12.16 -4.50 -15.27
C PHE A 366 13.13 -3.85 -16.25
N LEU A 367 13.45 -2.59 -16.02
CA LEU A 367 14.35 -1.88 -16.90
C LEU A 367 15.75 -2.50 -16.84
N GLU A 368 16.14 -2.94 -15.64
CA GLU A 368 17.41 -3.62 -15.44
C GLU A 368 17.41 -5.02 -16.03
N ASP A 369 16.47 -5.84 -15.58
CA ASP A 369 16.36 -7.23 -16.02
C ASP A 369 16.13 -7.40 -17.51
N GLU A 370 15.15 -6.67 -18.06
CA GLU A 370 14.68 -6.93 -19.42
C GLU A 370 15.24 -5.99 -20.50
N LEU A 371 15.51 -4.75 -20.13
CA LEU A 371 16.02 -3.78 -21.10
C LEU A 371 17.50 -3.50 -20.85
N LYS A 372 18.05 -4.16 -19.84
CA LYS A 372 19.48 -4.12 -19.56
C LYS A 372 19.98 -2.71 -19.26
N LEU A 373 19.15 -1.92 -18.60
CA LEU A 373 19.58 -0.60 -18.14
C LEU A 373 20.43 -0.71 -16.87
N SER A 374 21.36 0.21 -16.71
CA SER A 374 22.11 0.30 -15.47
C SER A 374 21.12 0.68 -14.38
N ARG A 375 21.46 0.39 -13.12
CA ARG A 375 20.61 0.74 -12.00
C ARG A 375 20.35 2.24 -11.93
N LYS A 376 21.40 3.03 -12.14
CA LYS A 376 21.29 4.48 -12.15
C LYS A 376 20.22 4.96 -13.14
N HIS A 377 20.33 4.52 -14.39
CA HIS A 377 19.39 4.94 -15.42
C HIS A 377 17.99 4.41 -15.13
N ALA A 378 17.92 3.19 -14.62
CA ALA A 378 16.63 2.56 -14.36
C ALA A 378 15.89 3.31 -13.27
N VAL A 379 16.62 3.73 -12.25
CA VAL A 379 16.05 4.48 -11.15
C VAL A 379 15.64 5.89 -11.56
N LEU A 380 16.51 6.55 -12.31
CA LEU A 380 16.24 7.94 -12.72
C LEU A 380 15.05 8.03 -13.67
N TRP A 381 15.00 7.15 -14.66
CA TRP A 381 13.89 7.14 -15.61
C TRP A 381 12.58 6.79 -14.91
N THR A 382 12.64 5.85 -13.97
CA THR A 382 11.47 5.47 -13.20
C THR A 382 10.95 6.67 -12.40
N ALA A 383 11.87 7.35 -11.73
CA ALA A 383 11.52 8.53 -10.96
C ALA A 383 10.89 9.61 -11.85
N ALA A 384 11.39 9.70 -13.08
CA ALA A 384 10.95 10.70 -14.04
C ALA A 384 9.51 10.47 -14.49
N ILE A 385 9.16 9.21 -14.71
CA ILE A 385 7.81 8.84 -15.10
C ILE A 385 6.83 9.10 -13.96
N VAL A 386 7.22 8.66 -12.76
CA VAL A 386 6.37 8.86 -11.59
C VAL A 386 6.20 10.35 -11.29
N PHE A 387 7.31 11.09 -11.36
CA PHE A 387 7.28 12.52 -11.08
C PHE A 387 6.37 13.26 -12.05
N PHE A 388 6.61 13.07 -13.34
CA PHE A 388 5.80 13.69 -14.38
C PHE A 388 4.32 13.32 -14.23
N SER A 389 4.03 12.03 -14.08
CA SER A 389 2.65 11.55 -14.02
C SER A 389 1.92 12.08 -12.79
N ALA A 390 2.67 12.35 -11.73
CA ALA A 390 2.10 12.78 -10.46
C ALA A 390 1.43 14.15 -10.58
N HIS A 391 1.79 14.90 -11.62
CA HIS A 391 1.21 16.21 -11.86
C HIS A 391 -0.31 16.14 -12.13
N LEU A 392 -0.74 15.00 -12.65
CA LEU A 392 -2.17 14.78 -12.83
C LEU A 392 -2.85 14.68 -11.47
N VAL A 393 -2.19 13.98 -10.55
CA VAL A 393 -2.75 13.77 -9.21
C VAL A 393 -2.67 15.06 -8.37
N MET A 394 -1.68 15.89 -8.67
CA MET A 394 -1.48 17.13 -7.92
C MET A 394 -2.44 18.25 -8.33
N PHE A 395 -2.91 18.21 -9.57
CA PHE A 395 -3.68 19.34 -10.12
C PHE A 395 -5.12 19.03 -10.54
N LEU A 396 -5.45 17.76 -10.73
CA LEU A 396 -6.81 17.39 -11.12
C LEU A 396 -7.55 16.74 -9.95
N ASN A 397 -8.57 17.43 -9.47
CA ASN A 397 -9.36 16.95 -8.33
C ASN A 397 -9.93 15.56 -8.58
N LYS A 398 -9.71 14.64 -7.64
CA LYS A 398 -10.25 13.28 -7.71
C LYS A 398 -9.48 12.31 -8.63
N SER A 399 -8.44 12.80 -9.28
CA SER A 399 -7.59 11.93 -10.07
C SER A 399 -6.97 10.86 -9.17
N LEU A 400 -6.58 11.26 -7.97
CA LEU A 400 -6.04 10.33 -6.98
C LEU A 400 -7.03 9.20 -6.70
N ASP A 401 -8.29 9.56 -6.49
CA ASP A 401 -9.34 8.59 -6.22
C ASP A 401 -9.49 7.57 -7.35
N GLU A 402 -9.48 8.07 -8.58
CA GLU A 402 -9.64 7.23 -9.77
C GLU A 402 -8.49 6.23 -9.92
N MET A 403 -7.25 6.68 -9.72
CA MET A 403 -6.08 5.79 -9.79
C MET A 403 -6.11 4.76 -8.68
N ASP A 404 -6.47 5.20 -7.47
CA ASP A 404 -6.52 4.30 -6.32
C ASP A 404 -7.55 3.20 -6.55
N PHE A 405 -8.66 3.54 -7.20
CA PHE A 405 -9.70 2.55 -7.48
C PHE A 405 -9.26 1.47 -8.49
N TRP A 406 -8.83 1.88 -9.67
CA TRP A 406 -8.52 0.92 -10.73
C TRP A 406 -7.26 0.08 -10.45
N ALA A 407 -6.25 0.68 -9.87
CA ALA A 407 -5.02 -0.06 -9.60
C ALA A 407 -5.00 -0.59 -8.17
N GLY A 408 -5.18 0.31 -7.21
CA GLY A 408 -5.01 -0.04 -5.81
C GLY A 408 -6.17 -0.79 -5.18
N THR A 409 -7.31 -0.85 -5.86
CA THR A 409 -8.48 -1.53 -5.32
C THR A 409 -8.88 -2.73 -6.18
N ILE A 410 -9.41 -2.45 -7.37
CA ILE A 410 -9.82 -3.49 -8.30
C ILE A 410 -8.61 -4.26 -8.86
N GLY A 411 -7.63 -3.50 -9.36
CA GLY A 411 -6.44 -4.09 -9.96
C GLY A 411 -5.73 -5.13 -9.12
N VAL A 412 -5.49 -4.83 -7.85
CA VAL A 412 -4.73 -5.75 -7.00
C VAL A 412 -5.44 -7.07 -6.77
N VAL A 413 -6.76 -7.02 -6.65
CA VAL A 413 -7.56 -8.22 -6.42
C VAL A 413 -7.61 -9.07 -7.68
N PHE A 414 -7.87 -8.42 -8.81
CA PHE A 414 -7.83 -9.08 -10.10
C PHE A 414 -6.47 -9.74 -10.33
N PHE A 415 -5.40 -9.03 -9.99
CA PHE A 415 -4.05 -9.55 -10.23
C PHE A 415 -3.71 -10.68 -9.25
N GLY A 416 -4.21 -10.57 -8.02
CA GLY A 416 -4.04 -11.64 -7.06
C GLY A 416 -4.64 -12.94 -7.55
N LEU A 417 -5.86 -12.88 -8.06
CA LEU A 417 -6.53 -14.05 -8.60
C LEU A 417 -5.78 -14.57 -9.82
N THR A 418 -5.34 -13.64 -10.67
CA THR A 418 -4.63 -13.99 -11.89
C THR A 418 -3.34 -14.74 -11.58
N GLU A 419 -2.56 -14.23 -10.63
CA GLU A 419 -1.27 -14.84 -10.35
C GLU A 419 -1.44 -16.23 -9.70
N LEU A 420 -2.52 -16.40 -8.94
CA LEU A 420 -2.77 -17.68 -8.30
C LEU A 420 -3.13 -18.73 -9.33
N ILE A 421 -4.03 -18.36 -10.25
CA ILE A 421 -4.45 -19.26 -11.32
C ILE A 421 -3.25 -19.70 -12.14
N ILE A 422 -2.43 -18.74 -12.53
CA ILE A 422 -1.25 -19.03 -13.35
C ILE A 422 -0.28 -19.96 -12.63
N PHE A 423 0.00 -19.67 -11.36
CA PHE A 423 0.98 -20.43 -10.60
C PHE A 423 0.46 -21.78 -10.11
N PHE A 424 -0.74 -21.80 -9.57
CA PHE A 424 -1.29 -23.02 -8.96
C PHE A 424 -2.12 -23.88 -9.90
N TRP A 425 -2.65 -23.29 -10.96
CA TRP A 425 -3.48 -24.04 -11.89
C TRP A 425 -2.76 -24.37 -13.20
N ILE A 426 -2.21 -23.35 -13.85
CA ILE A 426 -1.55 -23.53 -15.14
C ILE A 426 -0.16 -24.12 -15.00
N PHE A 427 0.63 -23.55 -14.10
CA PHE A 427 1.98 -24.02 -13.87
C PHE A 427 1.97 -25.41 -13.23
N GLY A 428 0.94 -25.68 -12.44
CA GLY A 428 0.81 -26.97 -11.79
C GLY A 428 0.78 -26.84 -10.28
N ALA A 429 -0.32 -27.28 -9.67
CA ALA A 429 -0.48 -27.18 -8.22
C ALA A 429 0.65 -27.88 -7.47
N ASP A 430 1.08 -29.03 -7.99
CA ASP A 430 2.13 -29.79 -7.32
C ASP A 430 3.52 -29.18 -7.52
N LYS A 431 3.74 -28.62 -8.71
CA LYS A 431 4.99 -27.91 -8.97
C LYS A 431 5.08 -26.64 -8.13
N ALA A 432 3.94 -25.95 -8.00
CA ALA A 432 3.90 -24.73 -7.20
C ALA A 432 4.11 -25.05 -5.73
N TRP A 433 3.37 -26.03 -5.24
CA TRP A 433 3.50 -26.49 -3.86
C TRP A 433 4.94 -26.82 -3.49
N GLU A 434 5.59 -27.61 -4.34
CA GLU A 434 6.97 -28.01 -4.10
C GLU A 434 7.90 -26.80 -4.21
N GLU A 435 7.58 -25.88 -5.11
CA GLU A 435 8.38 -24.68 -5.30
C GLU A 435 8.32 -23.75 -4.09
N ILE A 436 7.16 -23.69 -3.45
CA ILE A 436 6.98 -22.84 -2.28
C ILE A 436 7.74 -23.40 -1.08
N ASN A 437 7.65 -24.71 -0.89
CA ASN A 437 8.24 -25.36 0.28
C ASN A 437 9.75 -25.57 0.20
N ARG A 438 10.27 -25.59 -1.03
CA ARG A 438 11.70 -25.82 -1.22
C ARG A 438 12.56 -24.83 -0.42
N GLY A 439 13.49 -25.36 0.35
CA GLY A 439 14.40 -24.52 1.14
C GLY A 439 13.74 -23.96 2.39
N GLY A 440 12.50 -24.35 2.64
CA GLY A 440 11.77 -23.83 3.79
C GLY A 440 12.32 -24.29 5.12
N ILE A 441 12.52 -23.33 6.02
CA ILE A 441 12.90 -23.63 7.40
C ILE A 441 11.74 -24.39 8.05
N ILE A 442 10.52 -24.06 7.63
CA ILE A 442 9.34 -24.81 8.02
C ILE A 442 8.53 -25.08 6.76
N LYS A 443 7.63 -26.05 6.83
CA LYS A 443 6.77 -26.36 5.69
C LYS A 443 5.40 -25.71 5.88
N VAL A 444 4.71 -25.49 4.77
CA VAL A 444 3.34 -24.99 4.83
C VAL A 444 2.42 -26.13 5.27
N PRO A 445 1.56 -25.88 6.26
CA PRO A 445 0.60 -26.90 6.68
C PRO A 445 -0.15 -27.49 5.49
N ARG A 446 -0.32 -28.81 5.49
CA ARG A 446 -0.93 -29.51 4.36
C ARG A 446 -2.28 -28.92 3.97
N ILE A 447 -3.03 -28.44 4.95
CA ILE A 447 -4.35 -27.89 4.69
C ILE A 447 -4.31 -26.74 3.68
N TYR A 448 -3.24 -25.97 3.72
CA TYR A 448 -3.11 -24.79 2.86
C TYR A 448 -2.94 -25.13 1.38
N TYR A 449 -2.65 -26.38 1.08
CA TYR A 449 -2.56 -26.80 -0.32
C TYR A 449 -3.94 -26.72 -0.96
N TYR A 450 -4.95 -27.17 -0.23
CA TYR A 450 -6.31 -27.18 -0.73
C TYR A 450 -6.94 -25.79 -0.62
N VAL A 451 -6.49 -25.01 0.35
CA VAL A 451 -6.88 -23.61 0.44
C VAL A 451 -6.41 -22.86 -0.82
N MET A 452 -5.13 -22.99 -1.12
CA MET A 452 -4.54 -22.29 -2.27
C MET A 452 -5.17 -22.71 -3.58
N ARG A 453 -5.40 -24.00 -3.74
CA ARG A 453 -5.88 -24.55 -5.00
C ARG A 453 -7.36 -24.33 -5.24
N TYR A 454 -8.15 -24.35 -4.17
CA TYR A 454 -9.61 -24.28 -4.32
C TYR A 454 -10.27 -23.11 -3.59
N ILE A 455 -9.89 -22.91 -2.33
CA ILE A 455 -10.56 -21.92 -1.49
C ILE A 455 -10.25 -20.47 -1.89
N THR A 456 -8.98 -20.11 -1.91
CA THR A 456 -8.58 -18.76 -2.25
C THR A 456 -9.16 -18.28 -3.59
N PRO A 457 -8.94 -19.05 -4.66
CA PRO A 457 -9.45 -18.62 -5.98
C PRO A 457 -10.96 -18.45 -5.97
N ALA A 458 -11.68 -19.40 -5.38
CA ALA A 458 -13.13 -19.33 -5.33
C ALA A 458 -13.59 -18.14 -4.49
N PHE A 459 -12.81 -17.85 -3.45
CA PHE A 459 -13.07 -16.73 -2.57
C PHE A 459 -12.95 -15.41 -3.34
N LEU A 460 -11.87 -15.27 -4.09
CA LEU A 460 -11.61 -14.05 -4.85
C LEU A 460 -12.58 -13.90 -6.03
N ALA A 461 -12.87 -15.00 -6.71
CA ALA A 461 -13.75 -14.98 -7.86
C ALA A 461 -15.15 -14.52 -7.48
N VAL A 462 -15.69 -15.13 -6.42
CA VAL A 462 -17.01 -14.75 -5.93
C VAL A 462 -17.02 -13.30 -5.49
N LEU A 463 -15.95 -12.89 -4.80
CA LEU A 463 -15.80 -11.52 -4.34
C LEU A 463 -15.88 -10.54 -5.51
N LEU A 464 -15.06 -10.78 -6.53
CA LEU A 464 -15.03 -9.92 -7.70
C LEU A 464 -16.38 -9.83 -8.40
N VAL A 465 -17.06 -10.97 -8.49
CA VAL A 465 -18.38 -11.02 -9.12
C VAL A 465 -19.37 -10.15 -8.37
N VAL A 466 -19.53 -10.41 -7.08
CA VAL A 466 -20.42 -9.62 -6.23
C VAL A 466 -20.03 -8.15 -6.26
N TRP A 467 -18.74 -7.89 -6.33
CA TRP A 467 -18.23 -6.55 -6.49
C TRP A 467 -18.73 -5.97 -7.80
N ALA A 468 -18.64 -6.78 -8.85
CA ALA A 468 -18.97 -6.35 -10.20
C ALA A 468 -20.46 -6.11 -10.38
N ARG A 469 -21.29 -6.99 -9.83
CA ARG A 469 -22.73 -6.89 -10.03
C ARG A 469 -23.36 -5.72 -9.28
N GLU A 470 -22.85 -5.42 -8.10
CA GLU A 470 -23.56 -4.52 -7.21
C GLU A 470 -22.91 -3.16 -6.97
N TYR A 471 -21.61 -3.03 -7.25
CA TYR A 471 -20.91 -1.80 -6.86
C TYR A 471 -20.23 -1.05 -8.00
N ILE A 472 -19.65 -1.77 -8.96
CA ILE A 472 -18.99 -1.09 -10.07
C ILE A 472 -19.93 -0.31 -11.01
N PRO A 473 -21.17 -0.80 -11.20
CA PRO A 473 -22.05 -0.04 -12.10
C PRO A 473 -22.36 1.34 -11.54
N LYS A 474 -22.63 1.40 -10.24
CA LYS A 474 -22.94 2.68 -9.58
C LYS A 474 -21.79 3.67 -9.73
N ILE A 475 -20.57 3.20 -9.47
CA ILE A 475 -19.40 4.06 -9.53
C ILE A 475 -19.07 4.51 -10.96
N MET A 476 -19.21 3.61 -11.91
CA MET A 476 -18.95 3.92 -13.32
C MET A 476 -19.91 4.98 -13.86
N GLU A 477 -21.18 4.86 -13.49
CA GLU A 477 -22.24 5.68 -14.08
C GLU A 477 -22.33 7.09 -13.49
N GLU A 478 -21.95 7.22 -12.21
CA GLU A 478 -22.23 8.45 -11.46
C GLU A 478 -21.08 9.46 -11.42
N THR A 479 -19.97 9.16 -12.08
CA THR A 479 -18.78 10.01 -11.97
C THR A 479 -18.84 11.29 -12.82
N HIS A 480 -18.07 12.29 -12.39
CA HIS A 480 -17.86 13.52 -13.16
C HIS A 480 -17.03 13.17 -14.40
N TRP A 481 -17.23 13.89 -15.49
CA TRP A 481 -16.56 13.58 -16.76
C TRP A 481 -15.03 13.58 -16.68
N THR A 482 -14.47 14.30 -15.72
CA THR A 482 -13.02 14.40 -15.56
C THR A 482 -12.34 13.08 -15.20
N VAL A 483 -13.11 12.09 -14.76
CA VAL A 483 -12.53 10.78 -14.49
C VAL A 483 -11.91 10.18 -15.73
N TRP A 484 -12.41 10.58 -16.89
CA TRP A 484 -11.93 10.06 -18.17
C TRP A 484 -10.53 10.57 -18.50
N ILE A 485 -10.17 11.72 -17.96
CA ILE A 485 -8.80 12.21 -18.11
C ILE A 485 -7.83 11.22 -17.49
N THR A 486 -8.13 10.77 -16.28
CA THR A 486 -7.26 9.85 -15.57
C THR A 486 -7.29 8.46 -16.19
N ARG A 487 -8.50 8.00 -16.53
CA ARG A 487 -8.65 6.72 -17.21
C ARG A 487 -7.86 6.71 -18.52
N PHE A 488 -7.98 7.79 -19.28
CA PHE A 488 -7.24 7.91 -20.54
C PHE A 488 -5.74 7.83 -20.26
N TYR A 489 -5.27 8.58 -19.28
CA TYR A 489 -3.84 8.61 -19.03
C TYR A 489 -3.27 7.26 -18.58
N ILE A 490 -3.93 6.61 -17.63
CA ILE A 490 -3.40 5.36 -17.10
C ILE A 490 -3.56 4.20 -18.09
N ILE A 491 -4.51 4.32 -19.00
CA ILE A 491 -4.64 3.36 -20.09
C ILE A 491 -3.47 3.51 -21.05
N GLY A 492 -3.10 4.77 -21.31
CA GLY A 492 -1.89 5.05 -22.06
C GLY A 492 -0.65 4.50 -21.38
N LEU A 493 -0.61 4.59 -20.05
CA LEU A 493 0.52 4.01 -19.31
C LEU A 493 0.62 2.50 -19.54
N PHE A 494 -0.52 1.82 -19.56
CA PHE A 494 -0.54 0.38 -19.81
C PHE A 494 -0.02 0.07 -21.21
N LEU A 495 -0.43 0.90 -22.16
CA LEU A 495 0.01 0.77 -23.55
C LEU A 495 1.53 0.96 -23.62
N PHE A 496 2.01 1.96 -22.92
CA PHE A 496 3.45 2.26 -22.84
C PHE A 496 4.24 1.06 -22.30
N LEU A 497 3.76 0.46 -21.22
CA LEU A 497 4.48 -0.66 -20.62
C LEU A 497 4.40 -1.88 -21.52
N THR A 498 3.27 -2.05 -22.20
CA THR A 498 3.13 -3.14 -23.16
C THR A 498 4.17 -2.98 -24.28
N PHE A 499 4.38 -1.74 -24.71
CA PHE A 499 5.37 -1.46 -25.73
C PHE A 499 6.80 -1.79 -25.26
N LEU A 500 7.06 -1.57 -23.98
CA LEU A 500 8.38 -1.86 -23.42
C LEU A 500 8.63 -3.36 -23.34
N VAL A 501 7.60 -4.11 -22.98
CA VAL A 501 7.69 -5.57 -22.94
C VAL A 501 7.94 -6.12 -24.34
N PHE A 502 7.33 -5.47 -25.33
CA PHE A 502 7.54 -5.82 -26.73
C PHE A 502 8.99 -5.55 -27.14
N LEU A 503 9.50 -4.40 -26.73
CA LEU A 503 10.89 -4.05 -27.05
C LEU A 503 11.86 -5.01 -26.36
N ALA A 504 11.51 -5.43 -25.15
CA ALA A 504 12.35 -6.35 -24.40
C ALA A 504 12.45 -7.71 -25.08
N GLU A 505 11.33 -8.21 -25.60
CA GLU A 505 11.34 -9.50 -26.29
C GLU A 505 12.13 -9.42 -27.61
N ARG A 506 12.10 -8.26 -28.26
CA ARG A 506 12.88 -8.05 -29.48
C ARG A 506 14.37 -8.04 -29.18
N ARG A 507 14.78 -7.31 -28.16
CA ARG A 507 16.18 -7.25 -27.77
C ARG A 507 16.67 -8.65 -27.44
N ARG A 508 15.80 -9.40 -26.76
CA ARG A 508 16.12 -10.76 -26.34
C ARG A 508 16.32 -11.66 -27.55
N ASN A 509 15.43 -11.55 -28.53
CA ASN A 509 15.53 -12.37 -29.73
C ASN A 509 16.75 -12.02 -30.56
N HIS A 510 17.18 -10.76 -30.49
CA HIS A 510 18.35 -10.31 -31.23
C HIS A 510 19.66 -10.78 -30.58
N GLU A 511 19.71 -10.74 -29.26
CA GLU A 511 20.90 -11.16 -28.54
C GLU A 511 21.06 -12.69 -28.59
N SER A 512 19.93 -13.38 -28.71
CA SER A 512 19.94 -14.84 -28.80
C SER A 512 20.54 -15.29 -30.13
N ALA A 513 20.12 -14.65 -31.21
CA ALA A 513 20.64 -14.95 -32.54
C ALA A 513 22.09 -14.50 -32.67
N GLY A 514 22.42 -13.38 -32.01
CA GLY A 514 23.76 -12.84 -32.06
C GLY A 514 24.78 -13.70 -31.33
N THR A 515 24.29 -14.54 -30.42
CA THR A 515 25.15 -15.45 -29.67
C THR A 515 24.60 -16.86 -29.65
N GLY B . 1.35 -2.15 1.83
CA GLY B . 1.59 -0.73 1.67
C GLY B . 0.85 0.12 2.67
O GLY B . 1.03 1.34 2.75
OXT GLY B . 0.02 -0.37 3.43
C1 BOG C . -1.54 -28.66 11.89
O1 BOG C . -2.38 -27.52 11.75
C2 BOG C . -2.38 -29.90 12.14
O2 BOG C . -3.19 -29.72 13.30
C3 BOG C . -1.45 -31.09 12.35
O3 BOG C . -2.23 -32.29 12.54
C4 BOG C . -0.52 -31.24 11.15
O4 BOG C . 0.45 -32.27 11.40
C5 BOG C . 0.18 -29.92 10.82
O5 BOG C . -0.78 -28.85 10.70
C6 BOG C . 1.01 -30.00 9.55
O6 BOG C . 0.16 -30.09 8.40
C1' BOG C . -1.62 -26.31 11.74
C2' BOG C . -2.56 -25.11 11.80
C3' BOG C . -2.89 -24.58 10.40
C4' BOG C . -3.99 -23.51 10.47
C5' BOG C . -4.25 -22.92 9.09
C6' BOG C . -5.72 -22.58 8.90
C7' BOG C . -5.99 -22.15 7.46
C8' BOG C . -7.48 -22.13 7.17
C1 BOG D . 7.37 30.78 0.39
O1 BOG D . 8.39 29.86 0.00
C2 BOG D . 7.84 32.20 0.06
O2 BOG D . 9.10 32.46 0.70
C3 BOG D . 6.80 33.19 0.57
O3 BOG D . 7.19 34.52 0.19
C4 BOG D . 5.43 32.84 -0.03
O4 BOG D . 4.42 33.66 0.56
C5 BOG D . 5.09 31.37 0.19
O5 BOG D . 6.15 30.52 -0.29
C6 BOG D . 3.80 30.98 -0.51
O6 BOG D . 4.00 31.03 -1.92
C1' BOG D . 8.05 28.51 0.35
C2' BOG D . 9.21 27.96 1.16
C3' BOG D . 9.45 26.48 0.89
C4' BOG D . 10.46 25.93 1.88
C5' BOG D . 10.83 24.49 1.59
C6' BOG D . 11.54 23.88 2.78
C7' BOG D . 11.85 22.41 2.55
C8' BOG D . 12.49 21.80 3.78
C1 BOG E . 4.34 25.18 -10.07
O1 BOG E . 4.13 24.92 -11.46
C2 BOG E . 4.38 26.70 -9.88
O2 BOG E . 5.51 27.26 -10.55
C3 BOG E . 4.43 27.05 -8.40
O3 BOG E . 4.34 28.47 -8.22
C4 BOG E . 3.26 26.39 -7.68
O4 BOG E . 3.34 26.64 -6.27
C5 BOG E . 3.31 24.88 -7.94
O5 BOG E . 3.25 24.62 -9.34
C6 BOG E . 2.15 24.18 -7.23
O6 BOG E . 0.93 24.84 -7.56
C1' BOG E . 4.31 23.54 -11.80
C2' BOG E . 4.01 23.38 -13.29
C3' BOG E . 4.33 21.98 -13.79
C4' BOG E . 4.03 21.86 -15.29
C5' BOG E . 4.47 20.51 -15.83
C6' BOG E . 5.98 20.33 -15.73
C7' BOG E . 6.39 18.91 -16.10
C8' BOG E . 7.90 18.76 -16.09
C1 BOG F . -9.78 5.03 1.52
O1 BOG F . -9.27 4.96 2.84
C2 BOG F . -9.41 3.78 0.72
O2 BOG F . -7.99 3.55 0.78
C3 BOG F . -9.81 3.97 -0.75
O3 BOG F . -9.68 2.72 -1.42
C4 BOG F . -11.27 4.44 -0.85
O4 BOG F . -11.49 4.96 -2.17
C5 BOG F . -11.63 5.54 0.17
O5 BOG F . -11.20 5.19 1.49
C6 BOG F . -13.12 5.90 0.16
O6 BOG F . -13.37 6.95 -0.78
C1' BOG F . -8.40 6.06 3.05
C2' BOG F . -8.01 6.13 4.52
NA NA G . 6.58 1.35 4.34
NA NA H . 0.11 -2.28 5.49
#